data_1YW1
#
_entry.id   1YW1
#
_cell.length_a   86.254
_cell.length_b   86.254
_cell.length_c   194.640
_cell.angle_alpha   90.00
_cell.angle_beta   90.00
_cell.angle_gamma   90.00
#
_symmetry.space_group_name_H-M   'P 43 21 2'
#
loop_
_entity.id
_entity.type
_entity.pdbx_description
1 polymer 'PROTEIN YTNJ'
2 non-polymer alpha-D-glucopyranose
3 non-polymer 'FLAVIN MONONUCLEOTIDE'
4 water water
#
_entity_poly.entity_id   1
_entity_poly.type   'polypeptide(L)'
_entity_poly.pdbx_seq_one_letter_code
;(MSE)TRADFIQFGA(MSE)IHGVGGTTDGWRHPDVDPSASTNIEFY(MSE)KKAQTAEKGLFSFIFIADGLFISEKSIP
HFLNRFEPITILSALASVTKNIGLVGTFSTSFTEPFTISRQL(MSE)SLDHISGGRAGWNLVTSPQEGAARNHSKSNLPE
HTERYEIAQEHLDVVRGLWNSWEHDAFIHNKKTGQFFDQAKLHRLNHKGKYFQVEGPLNIGRSKQGEPVVFQAGSSETGR
QFAAKNADAIFTHSNSLEETKAFYADVKSRAADEGRDPSSVRIFPGISPIVADTEEEAEKKYREFAELIPIENAVTYLAR
FFDDYDLSVYPLDEPFPDIGDVGKNAFQSTTDRIKREAKARNLTLREVAQE(MSE)AFPRTLFIGTPERVASLIETWFNA
EAADGFIVGSDIPGTLDAFVEKVIPILQERGLYRQDYRGGTLRENLGLGIPQHQSVLHSSHH
;
_entity_poly.pdbx_strand_id   A
#
loop_
_chem_comp.id
_chem_comp.type
_chem_comp.name
_chem_comp.formula
FMN non-polymer 'FLAVIN MONONUCLEOTIDE' 'C17 H21 N4 O9 P'
GLC D-saccharide, alpha linking alpha-D-glucopyranose 'C6 H12 O6'
#
# COMPACT_ATOMS: atom_id res chain seq x y z
N ARG A 3 0.72 20.08 14.26
CA ARG A 3 1.58 19.13 13.49
C ARG A 3 2.20 19.89 12.31
N ALA A 4 3.53 20.06 12.33
CA ALA A 4 4.23 20.76 11.25
C ALA A 4 3.74 20.19 9.91
N ASP A 5 3.84 18.87 9.73
CA ASP A 5 3.50 18.23 8.44
C ASP A 5 2.01 18.10 8.12
N PHE A 6 1.73 17.92 6.83
CA PHE A 6 0.37 17.69 6.37
C PHE A 6 0.00 16.22 6.45
N ILE A 7 -1.28 15.94 6.35
CA ILE A 7 -1.73 14.57 6.25
C ILE A 7 -1.64 14.13 4.80
N GLN A 8 -1.39 12.83 4.66
CA GLN A 8 -1.40 12.20 3.36
C GLN A 8 -2.26 10.97 3.17
N PHE A 9 -2.64 10.74 1.91
CA PHE A 9 -3.47 9.62 1.49
C PHE A 9 -2.87 8.81 0.35
N GLY A 10 -3.09 7.51 0.44
CA GLY A 10 -2.85 6.60 -0.67
C GLY A 10 -4.16 5.93 -0.95
N ALA A 11 -4.43 5.60 -2.21
CA ALA A 11 -5.63 4.86 -2.60
C ALA A 11 -5.29 3.41 -2.95
N MSE A 12 -5.82 2.51 -2.14
CA MSE A 12 -5.75 1.12 -2.48
C MSE A 12 -6.74 0.89 -3.58
O MSE A 12 -7.88 1.29 -3.45
CB MSE A 12 -6.24 0.29 -1.31
CG MSE A 12 -6.10 -1.15 -1.69
SE MSE A 12 -5.97 -2.30 -0.11
CE MSE A 12 -7.70 -1.63 0.79
N ILE A 13 -6.31 0.26 -4.66
CA ILE A 13 -7.23 -0.18 -5.70
C ILE A 13 -7.29 -1.70 -5.62
N HIS A 14 -8.45 -2.24 -5.27
CA HIS A 14 -8.61 -3.69 -5.02
C HIS A 14 -9.69 -4.33 -5.92
N GLY A 15 -9.95 -3.68 -7.05
CA GLY A 15 -10.85 -4.21 -8.08
C GLY A 15 -12.23 -4.43 -7.50
N VAL A 16 -12.66 -5.68 -7.57
CA VAL A 16 -14.00 -6.03 -7.11
C VAL A 16 -14.08 -6.17 -5.59
N GLY A 17 -13.05 -5.77 -4.86
CA GLY A 17 -13.17 -5.62 -3.42
C GLY A 17 -12.68 -6.79 -2.59
N GLY A 18 -12.72 -6.58 -1.28
CA GLY A 18 -12.04 -7.44 -0.33
C GLY A 18 -12.97 -8.42 0.34
N THR A 19 -14.13 -8.62 -0.25
CA THR A 19 -15.28 -9.25 0.41
C THR A 19 -15.87 -10.36 -0.49
N THR A 20 -16.46 -11.36 0.15
CA THR A 20 -16.98 -12.53 -0.54
C THR A 20 -18.18 -12.24 -1.45
N ASP A 21 -18.99 -11.24 -1.13
CA ASP A 21 -20.23 -11.04 -1.89
C ASP A 21 -20.54 -9.60 -2.27
N GLY A 22 -19.61 -8.68 -2.05
CA GLY A 22 -19.79 -7.26 -2.34
C GLY A 22 -19.99 -7.07 -3.84
N TRP A 23 -19.56 -8.06 -4.62
CA TRP A 23 -19.67 -7.93 -6.07
C TRP A 23 -21.11 -8.00 -6.57
N ARG A 24 -22.00 -8.45 -5.69
CA ARG A 24 -23.37 -8.74 -6.08
C ARG A 24 -24.21 -7.47 -6.10
N HIS A 25 -23.77 -6.45 -5.40
CA HIS A 25 -24.37 -5.13 -5.53
C HIS A 25 -24.55 -4.71 -6.97
N PRO A 26 -25.68 -4.08 -7.30
CA PRO A 26 -25.98 -3.53 -8.62
C PRO A 26 -25.00 -2.50 -9.11
N ASP A 27 -24.42 -1.74 -8.19
CA ASP A 27 -23.41 -0.77 -8.61
C ASP A 27 -22.04 -1.30 -9.00
N VAL A 28 -21.74 -2.55 -8.65
CA VAL A 28 -20.42 -3.13 -8.81
C VAL A 28 -20.29 -3.88 -10.13
N ASP A 29 -19.29 -3.52 -10.93
CA ASP A 29 -18.82 -4.35 -12.04
C ASP A 29 -18.04 -5.59 -11.58
N PRO A 30 -18.64 -6.78 -11.77
CA PRO A 30 -18.00 -7.96 -11.21
C PRO A 30 -16.75 -8.32 -12.00
N SER A 31 -16.52 -7.64 -13.12
CA SER A 31 -15.25 -7.80 -13.82
C SER A 31 -14.17 -6.76 -13.50
N ALA A 32 -14.40 -5.91 -12.51
CA ALA A 32 -13.47 -4.81 -12.19
C ALA A 32 -12.03 -5.25 -12.00
N SER A 33 -11.83 -6.48 -11.57
CA SER A 33 -10.52 -6.94 -11.15
C SER A 33 -9.53 -7.10 -12.31
N THR A 34 -10.08 -7.28 -13.52
CA THR A 34 -9.27 -7.42 -14.72
C THR A 34 -9.65 -6.35 -15.75
N ASN A 35 -10.15 -5.21 -15.27
CA ASN A 35 -10.69 -4.18 -16.12
C ASN A 35 -9.92 -2.86 -16.11
N ILE A 36 -9.17 -2.63 -17.17
CA ILE A 36 -8.12 -1.62 -17.12
C ILE A 36 -8.75 -0.25 -16.87
N GLU A 37 -9.97 -0.10 -17.36
CA GLU A 37 -10.73 1.13 -17.28
C GLU A 37 -11.02 1.47 -15.85
N PHE A 38 -11.41 0.46 -15.09
CA PHE A 38 -11.75 0.63 -13.68
C PHE A 38 -10.54 1.22 -12.95
N TYR A 39 -9.42 0.54 -13.16
CA TYR A 39 -8.17 0.92 -12.53
C TYR A 39 -7.78 2.32 -12.98
N MSE A 40 -8.03 2.69 -14.23
CA MSE A 40 -7.58 4.01 -14.62
C MSE A 40 -8.40 5.11 -13.98
O MSE A 40 -7.87 6.14 -13.59
CB MSE A 40 -7.63 4.20 -16.12
CG MSE A 40 -6.60 3.34 -16.82
SE MSE A 40 -6.52 3.43 -18.80
CE MSE A 40 -8.43 3.09 -19.30
N LYS A 41 -9.71 4.88 -13.89
CA LYS A 41 -10.61 5.92 -13.42
C LYS A 41 -10.28 6.16 -11.96
N LYS A 42 -10.13 5.07 -11.20
CA LYS A 42 -9.77 5.17 -9.78
C LYS A 42 -8.48 5.98 -9.56
N ALA A 43 -7.43 5.56 -10.26
CA ALA A 43 -6.15 6.22 -10.14
C ALA A 43 -6.29 7.69 -10.50
N GLN A 44 -7.05 8.03 -11.52
CA GLN A 44 -7.22 9.44 -11.82
C GLN A 44 -8.05 10.23 -10.79
N THR A 45 -9.01 9.56 -10.18
CA THR A 45 -9.76 10.15 -9.07
C THR A 45 -8.82 10.41 -7.91
N ALA A 46 -8.00 9.43 -7.55
CA ALA A 46 -7.06 9.63 -6.44
C ALA A 46 -6.07 10.76 -6.71
N GLU A 47 -5.63 10.83 -7.96
CA GLU A 47 -4.72 11.88 -8.42
C GLU A 47 -5.39 13.25 -8.41
N LYS A 48 -6.69 13.26 -8.69
CA LYS A 48 -7.48 14.48 -8.59
C LYS A 48 -7.57 14.93 -7.14
N GLY A 49 -7.58 13.98 -6.22
CA GLY A 49 -7.65 14.29 -4.80
C GLY A 49 -6.27 14.45 -4.24
N LEU A 50 -5.28 14.51 -5.13
CA LEU A 50 -3.88 14.70 -4.75
C LEU A 50 -3.30 13.63 -3.84
N PHE A 51 -3.80 12.41 -3.98
CA PHE A 51 -3.22 11.32 -3.24
C PHE A 51 -1.76 11.16 -3.62
N SER A 52 -1.01 10.75 -2.62
CA SER A 52 0.42 10.67 -2.77
C SER A 52 0.76 9.45 -3.61
N PHE A 53 -0.09 8.41 -3.55
CA PHE A 53 0.15 7.17 -4.28
C PHE A 53 -1.10 6.33 -4.50
N ILE A 54 -1.11 5.49 -5.52
CA ILE A 54 -2.00 4.34 -5.48
C ILE A 54 -1.27 3.10 -4.98
N PHE A 55 -2.02 2.19 -4.38
CA PHE A 55 -1.47 1.00 -3.77
C PHE A 55 -2.18 -0.25 -4.33
N ILE A 56 -1.36 -1.17 -4.80
CA ILE A 56 -1.85 -2.49 -5.18
C ILE A 56 -1.32 -3.59 -4.27
N ALA A 57 -2.23 -4.28 -3.59
CA ALA A 57 -1.90 -5.41 -2.72
C ALA A 57 -1.81 -6.62 -3.62
N ASP A 58 -1.34 -7.75 -3.10
CA ASP A 58 -1.16 -8.92 -3.93
C ASP A 58 -1.00 -10.20 -3.13
N GLY A 59 -1.28 -11.33 -3.75
CA GLY A 59 -1.04 -12.64 -3.14
C GLY A 59 -0.81 -13.65 -4.24
N LEU A 60 -0.19 -14.78 -3.90
CA LEU A 60 0.26 -15.76 -4.88
C LEU A 60 -0.30 -17.15 -4.69
N PHE A 61 -1.44 -17.26 -4.03
CA PHE A 61 -2.08 -18.55 -3.88
C PHE A 61 -3.57 -18.47 -3.70
N ILE A 62 -4.29 -19.33 -4.41
CA ILE A 62 -5.73 -19.40 -4.24
C ILE A 62 -6.27 -20.82 -4.10
N SER A 63 -7.51 -20.88 -3.62
CA SER A 63 -8.39 -22.04 -3.71
C SER A 63 -9.79 -21.57 -4.11
N GLU A 64 -10.73 -22.50 -4.25
CA GLU A 64 -12.00 -22.13 -4.86
C GLU A 64 -12.85 -21.41 -3.83
N LYS A 65 -12.43 -21.43 -2.57
CA LYS A 65 -13.05 -20.61 -1.53
C LYS A 65 -12.32 -19.29 -1.30
N SER A 66 -11.48 -18.83 -2.22
CA SER A 66 -10.85 -17.53 -2.08
C SER A 66 -11.84 -16.49 -2.55
N ILE A 67 -11.63 -15.25 -2.12
CA ILE A 67 -12.55 -14.19 -2.48
C ILE A 67 -12.43 -13.87 -3.96
N PRO A 68 -13.54 -13.45 -4.56
CA PRO A 68 -13.57 -13.30 -6.01
C PRO A 68 -12.43 -12.46 -6.59
N HIS A 69 -12.03 -11.42 -5.86
CA HIS A 69 -10.94 -10.60 -6.37
C HIS A 69 -9.70 -11.44 -6.61
N PHE A 70 -9.46 -12.39 -5.71
CA PHE A 70 -8.15 -12.99 -5.68
C PHE A 70 -8.10 -14.05 -6.77
N LEU A 71 -9.27 -14.46 -7.21
CA LEU A 71 -9.36 -15.50 -8.21
C LEU A 71 -8.85 -15.03 -9.57
N ASN A 72 -9.04 -13.75 -9.83
CA ASN A 72 -8.81 -13.26 -11.17
C ASN A 72 -8.53 -11.78 -11.12
N ARG A 73 -7.25 -11.44 -11.14
CA ARG A 73 -6.87 -10.03 -11.08
C ARG A 73 -5.53 -9.77 -11.80
N PHE A 74 -5.24 -8.49 -11.98
CA PHE A 74 -3.97 -8.01 -12.51
C PHE A 74 -2.83 -8.39 -11.59
N GLU A 75 -1.64 -8.59 -12.17
CA GLU A 75 -0.38 -8.66 -11.41
C GLU A 75 -0.03 -7.19 -11.12
N PRO A 76 0.69 -6.92 -10.03
CA PRO A 76 0.99 -5.55 -9.65
C PRO A 76 1.90 -4.75 -10.56
N ILE A 77 3.03 -5.26 -11.02
CA ILE A 77 3.94 -4.39 -11.79
C ILE A 77 3.44 -4.07 -13.20
N THR A 78 2.71 -5.02 -13.76
CA THR A 78 2.07 -4.77 -15.02
C THR A 78 1.11 -3.61 -14.88
N ILE A 79 0.10 -3.72 -14.00
CA ILE A 79 -0.93 -2.69 -13.91
C ILE A 79 -0.36 -1.32 -13.48
N LEU A 80 0.65 -1.30 -12.63
CA LEU A 80 1.24 -0.02 -12.24
C LEU A 80 1.94 0.68 -13.40
N SER A 81 2.57 -0.15 -14.23
CA SER A 81 3.32 0.36 -15.38
C SER A 81 2.36 0.92 -16.43
N ALA A 82 1.21 0.27 -16.51
CA ALA A 82 0.15 0.71 -17.41
C ALA A 82 -0.38 2.04 -16.87
N LEU A 83 -0.63 2.11 -15.57
CA LEU A 83 -1.21 3.30 -14.97
C LEU A 83 -0.26 4.46 -15.02
N ALA A 84 1.03 4.13 -14.97
CA ALA A 84 2.08 5.14 -15.08
C ALA A 84 1.87 6.06 -16.27
N SER A 85 1.45 5.52 -17.41
CA SER A 85 1.37 6.29 -18.65
C SER A 85 0.12 7.16 -18.71
N VAL A 86 -0.80 7.06 -17.76
CA VAL A 86 -2.07 7.78 -17.83
C VAL A 86 -2.31 8.58 -16.56
N THR A 87 -1.24 8.80 -15.81
CA THR A 87 -1.29 9.50 -14.54
C THR A 87 -0.05 10.38 -14.58
N LYS A 88 -0.05 11.46 -13.81
CA LYS A 88 1.01 12.44 -13.85
C LYS A 88 1.89 12.51 -12.59
N ASN A 89 1.33 12.62 -11.38
CA ASN A 89 2.20 12.75 -10.19
C ASN A 89 2.09 11.71 -9.08
N ILE A 90 1.06 10.88 -9.16
CA ILE A 90 0.72 9.95 -8.10
C ILE A 90 1.69 8.78 -8.04
N GLY A 91 2.19 8.48 -6.85
CA GLY A 91 3.08 7.35 -6.63
C GLY A 91 2.39 6.07 -7.02
N LEU A 92 3.18 5.03 -7.20
CA LEU A 92 2.75 3.76 -7.77
C LEU A 92 3.33 2.63 -6.93
N VAL A 93 2.62 2.19 -5.91
CA VAL A 93 3.26 1.33 -4.94
C VAL A 93 2.69 -0.06 -5.17
N GLY A 94 3.54 -1.07 -5.13
CA GLY A 94 3.10 -2.42 -5.41
C GLY A 94 3.71 -3.46 -4.49
N THR A 95 2.92 -4.48 -4.23
CA THR A 95 3.29 -5.50 -3.29
C THR A 95 4.07 -6.55 -4.05
N PHE A 96 5.25 -6.88 -3.54
CA PHE A 96 6.11 -7.92 -4.07
C PHE A 96 6.69 -8.73 -2.93
N SER A 97 6.61 -10.06 -3.00
CA SER A 97 7.19 -10.92 -1.99
C SER A 97 8.72 -11.12 -2.05
N THR A 98 9.35 -11.18 -0.88
CA THR A 98 10.78 -11.48 -0.85
C THR A 98 11.00 -12.98 -0.89
N SER A 99 9.94 -13.76 -0.77
CA SER A 99 10.08 -15.18 -0.63
C SER A 99 10.25 -15.90 -1.95
N PHE A 100 9.79 -15.29 -3.04
CA PHE A 100 9.87 -16.07 -4.26
C PHE A 100 10.75 -15.55 -5.37
N THR A 101 10.54 -14.27 -5.72
CA THR A 101 11.43 -13.71 -6.75
C THR A 101 12.89 -13.55 -6.36
N GLU A 102 13.71 -13.67 -7.40
CA GLU A 102 15.11 -13.26 -7.37
C GLU A 102 15.20 -11.73 -7.28
N PRO A 103 16.02 -11.21 -6.35
CA PRO A 103 16.12 -9.75 -6.19
C PRO A 103 16.57 -8.96 -7.44
N PHE A 104 17.21 -9.63 -8.39
CA PHE A 104 17.65 -8.93 -9.59
C PHE A 104 16.42 -8.60 -10.42
N THR A 105 15.59 -9.63 -10.58
CA THR A 105 14.37 -9.55 -11.33
C THR A 105 13.58 -8.37 -10.79
N ILE A 106 13.52 -8.27 -9.47
CA ILE A 106 12.60 -7.31 -8.90
C ILE A 106 13.18 -5.93 -8.84
N SER A 107 14.44 -5.89 -8.45
CA SER A 107 15.23 -4.68 -8.48
C SER A 107 15.07 -4.02 -9.85
N ARG A 108 15.22 -4.80 -10.91
CA ARG A 108 15.01 -4.30 -12.25
C ARG A 108 13.58 -3.79 -12.47
N GLN A 109 12.58 -4.61 -12.19
CA GLN A 109 11.25 -4.25 -12.62
C GLN A 109 10.81 -2.98 -11.89
N LEU A 110 11.15 -2.83 -10.61
CA LEU A 110 10.84 -1.61 -9.84
C LEU A 110 11.59 -0.38 -10.28
N MSE A 111 12.85 -0.54 -10.63
CA MSE A 111 13.61 0.60 -11.10
C MSE A 111 13.12 1.01 -12.48
O MSE A 111 13.02 2.22 -12.77
CB MSE A 111 15.10 0.31 -11.09
CG MSE A 111 15.89 1.56 -11.44
SE MSE A 111 15.76 3.02 -10.13
CE MSE A 111 17.38 2.58 -9.07
N SER A 112 12.83 0.01 -13.32
CA SER A 112 12.30 0.29 -14.64
C SER A 112 11.02 1.10 -14.52
N LEU A 113 10.07 0.61 -13.73
CA LEU A 113 8.89 1.40 -13.36
C LEU A 113 9.21 2.86 -12.96
N ASP A 114 10.23 3.00 -12.12
CA ASP A 114 10.64 4.30 -11.62
C ASP A 114 11.05 5.22 -12.77
N HIS A 115 11.69 4.67 -13.78
CA HIS A 115 12.18 5.46 -14.90
C HIS A 115 10.97 5.81 -15.77
N ILE A 116 10.09 4.84 -16.02
CA ILE A 116 8.92 5.03 -16.86
C ILE A 116 8.05 6.16 -16.34
N SER A 117 8.00 6.27 -15.02
CA SER A 117 7.07 7.13 -14.30
C SER A 117 7.73 8.44 -13.85
N GLY A 118 9.02 8.57 -14.10
CA GLY A 118 9.77 9.72 -13.63
C GLY A 118 9.80 9.90 -12.12
N GLY A 119 10.03 8.78 -11.43
CA GLY A 119 10.23 8.82 -9.98
C GLY A 119 9.01 8.62 -9.07
N ARG A 120 8.13 7.71 -9.44
CA ARG A 120 6.95 7.49 -8.61
C ARG A 120 6.77 6.07 -8.10
N ALA A 121 7.80 5.24 -8.22
CA ALA A 121 7.70 3.87 -7.74
C ALA A 121 7.84 3.71 -6.21
N GLY A 122 7.07 2.76 -5.69
CA GLY A 122 7.22 2.26 -4.34
C GLY A 122 7.06 0.76 -4.28
N TRP A 123 7.68 0.12 -3.29
CA TRP A 123 7.58 -1.34 -3.17
C TRP A 123 7.04 -1.56 -1.76
N ASN A 124 5.93 -2.27 -1.67
CA ASN A 124 5.38 -2.80 -0.42
C ASN A 124 6.05 -4.14 -0.23
N LEU A 125 7.09 -4.14 0.59
CA LEU A 125 7.83 -5.38 0.80
C LEU A 125 7.09 -6.28 1.76
N VAL A 126 6.94 -7.54 1.38
CA VAL A 126 6.06 -8.45 2.03
C VAL A 126 6.70 -9.80 2.06
N THR A 127 6.72 -10.41 3.24
CA THR A 127 7.44 -11.64 3.43
C THR A 127 6.60 -12.81 2.94
N SER A 128 5.29 -12.60 2.96
CA SER A 128 4.28 -13.49 2.37
C SER A 128 3.86 -14.69 3.25
N PRO A 129 2.56 -14.74 3.61
CA PRO A 129 2.01 -15.70 4.55
C PRO A 129 1.43 -17.00 3.96
N GLN A 130 0.77 -16.96 2.81
CA GLN A 130 0.12 -18.15 2.25
C GLN A 130 1.07 -19.36 2.10
N GLU A 131 0.93 -20.38 2.92
CA GLU A 131 1.76 -21.57 2.77
C GLU A 131 1.70 -22.20 1.39
N GLY A 132 0.55 -22.17 0.71
CA GLY A 132 0.44 -22.84 -0.58
C GLY A 132 1.20 -22.09 -1.66
N ALA A 133 1.52 -20.84 -1.39
CA ALA A 133 2.35 -20.05 -2.30
C ALA A 133 3.67 -20.75 -2.62
N ALA A 134 4.22 -21.41 -1.61
CA ALA A 134 5.45 -22.14 -1.79
C ALA A 134 5.25 -23.14 -2.93
N ARG A 135 4.09 -23.78 -2.92
CA ARG A 135 3.79 -24.82 -3.88
C ARG A 135 3.48 -24.32 -5.29
N ASN A 136 3.47 -23.01 -5.47
CA ASN A 136 3.37 -22.44 -6.79
C ASN A 136 4.72 -22.00 -7.33
N HIS A 137 5.73 -22.17 -6.49
CA HIS A 137 7.07 -21.65 -6.78
C HIS A 137 8.10 -22.71 -6.43
N SER A 138 7.73 -23.96 -6.68
CA SER A 138 8.67 -25.06 -6.58
C SER A 138 9.32 -25.14 -5.20
N LYS A 139 8.53 -25.01 -4.14
CA LYS A 139 9.03 -25.29 -2.80
C LYS A 139 8.02 -26.13 -2.06
N SER A 140 8.46 -26.83 -1.03
CA SER A 140 7.56 -27.66 -0.24
C SER A 140 6.72 -26.82 0.72
N ASN A 141 7.43 -25.88 1.35
CA ASN A 141 6.92 -25.09 2.45
C ASN A 141 7.58 -23.72 2.60
N LEU A 142 6.91 -22.78 3.25
CA LEU A 142 7.54 -21.52 3.61
C LEU A 142 8.60 -21.81 4.67
N PRO A 143 9.61 -20.94 4.77
CA PRO A 143 10.50 -20.90 5.92
C PRO A 143 9.74 -20.49 7.16
N GLU A 144 10.24 -20.81 8.34
CA GLU A 144 9.53 -20.39 9.53
C GLU A 144 9.67 -18.88 9.70
N HIS A 145 8.75 -18.27 10.42
CA HIS A 145 8.52 -16.81 10.42
C HIS A 145 9.78 -15.98 10.59
N THR A 146 10.72 -16.48 11.40
CA THR A 146 11.86 -15.63 11.74
C THR A 146 12.84 -15.63 10.59
N GLU A 147 13.07 -16.83 10.06
CA GLU A 147 13.89 -16.99 8.87
C GLU A 147 13.30 -16.20 7.71
N ARG A 148 11.98 -16.20 7.60
CA ARG A 148 11.33 -15.37 6.60
C ARG A 148 11.81 -13.93 6.62
N TYR A 149 11.90 -13.34 7.80
CA TYR A 149 12.44 -11.99 7.92
C TYR A 149 13.96 -11.84 7.83
N GLU A 150 14.71 -12.87 8.16
CA GLU A 150 16.14 -12.90 7.84
C GLU A 150 16.33 -12.78 6.33
N ILE A 151 15.66 -13.65 5.59
CA ILE A 151 15.72 -13.65 4.13
C ILE A 151 15.37 -12.28 3.56
N ALA A 152 14.38 -11.63 4.14
CA ALA A 152 13.88 -10.39 3.59
C ALA A 152 14.92 -9.30 3.73
N GLN A 153 15.66 -9.38 4.83
CA GLN A 153 16.69 -8.39 5.06
C GLN A 153 17.75 -8.54 3.96
N GLU A 154 18.04 -9.77 3.58
CA GLU A 154 19.13 -9.97 2.63
C GLU A 154 18.66 -9.55 1.24
N HIS A 155 17.43 -9.93 0.95
CA HIS A 155 16.77 -9.62 -0.31
C HIS A 155 16.74 -8.11 -0.59
N LEU A 156 16.28 -7.38 0.42
CA LEU A 156 16.19 -5.93 0.36
C LEU A 156 17.56 -5.33 0.19
N ASP A 157 18.53 -5.89 0.89
CA ASP A 157 19.85 -5.29 0.93
C ASP A 157 20.48 -5.44 -0.45
N VAL A 158 20.34 -6.63 -1.04
CA VAL A 158 20.68 -6.84 -2.44
C VAL A 158 19.94 -5.92 -3.40
N VAL A 159 18.62 -5.87 -3.26
CA VAL A 159 17.84 -4.98 -4.08
C VAL A 159 18.34 -3.54 -3.99
N ARG A 160 18.62 -3.07 -2.78
CA ARG A 160 19.12 -1.71 -2.64
C ARG A 160 20.55 -1.58 -3.13
N GLY A 161 21.38 -2.55 -2.81
CA GLY A 161 22.69 -2.61 -3.45
C GLY A 161 22.64 -2.44 -4.96
N LEU A 162 21.82 -3.26 -5.63
CA LEU A 162 21.76 -3.19 -7.09
C LEU A 162 21.34 -1.81 -7.56
N TRP A 163 20.38 -1.22 -6.88
CA TRP A 163 19.87 0.10 -7.26
C TRP A 163 20.93 1.18 -7.21
N ASN A 164 22.02 0.82 -6.54
CA ASN A 164 23.18 1.69 -6.42
C ASN A 164 24.33 1.24 -7.30
N SER A 165 24.12 0.21 -8.11
CA SER A 165 25.04 -0.10 -9.21
C SER A 165 25.68 1.12 -9.89
N TRP A 166 24.89 2.15 -10.18
CA TRP A 166 25.29 3.39 -10.87
C TRP A 166 25.08 4.57 -9.94
N GLU A 167 25.91 5.60 -10.08
CA GLU A 167 25.69 6.84 -9.36
C GLU A 167 24.79 7.74 -10.16
N HIS A 168 24.22 8.74 -9.51
CA HIS A 168 23.31 9.65 -10.18
C HIS A 168 23.96 10.34 -11.38
N ASP A 169 25.26 10.55 -11.34
CA ASP A 169 25.89 11.29 -12.43
C ASP A 169 26.82 10.40 -13.27
N ALA A 170 26.78 9.09 -13.09
CA ALA A 170 27.57 8.20 -13.94
C ALA A 170 27.37 8.34 -15.46
N PHE A 171 26.17 8.71 -15.90
CA PHE A 171 25.91 8.58 -17.31
C PHE A 171 26.18 9.87 -18.04
N ILE A 172 27.46 9.97 -18.39
CA ILE A 172 28.02 11.22 -18.86
C ILE A 172 27.69 11.51 -20.34
N HIS A 173 27.77 10.53 -21.22
CA HIS A 173 27.25 10.74 -22.57
C HIS A 173 28.03 11.78 -23.37
N ASN A 174 29.35 11.74 -23.33
CA ASN A 174 30.20 12.62 -24.14
C ASN A 174 30.44 12.11 -25.56
N LYS A 175 29.66 12.65 -26.48
CA LYS A 175 29.70 12.18 -27.86
C LYS A 175 31.05 12.55 -28.46
N LYS A 176 31.56 13.75 -28.14
CA LYS A 176 32.91 14.16 -28.54
C LYS A 176 34.00 13.21 -28.06
N THR A 177 34.00 12.80 -26.80
CA THR A 177 35.10 11.95 -26.32
C THR A 177 34.81 10.47 -26.48
N GLY A 178 33.59 10.13 -26.89
CA GLY A 178 33.16 8.73 -26.95
C GLY A 178 33.05 8.02 -25.61
N GLN A 179 32.91 8.82 -24.56
CA GLN A 179 32.81 8.26 -23.23
C GLN A 179 31.35 8.36 -22.83
N PHE A 180 30.68 7.21 -22.92
CA PHE A 180 29.27 7.06 -22.52
C PHE A 180 29.10 7.17 -21.00
N PHE A 181 29.95 6.49 -20.27
CA PHE A 181 29.76 6.56 -18.85
C PHE A 181 31.06 6.63 -18.12
N ASP A 182 31.00 7.14 -16.90
CA ASP A 182 32.20 7.16 -16.08
C ASP A 182 32.50 5.87 -15.33
N GLN A 183 33.48 5.11 -15.81
CA GLN A 183 33.82 3.80 -15.23
C GLN A 183 34.07 3.77 -13.71
N ALA A 184 34.44 4.90 -13.14
CA ALA A 184 34.61 5.02 -11.69
C ALA A 184 33.30 5.03 -10.94
N LYS A 185 32.22 5.37 -11.63
CA LYS A 185 30.92 5.52 -10.99
C LYS A 185 30.03 4.29 -11.15
N LEU A 186 30.65 3.13 -11.33
CA LEU A 186 29.92 1.90 -11.61
C LEU A 186 30.37 0.84 -10.64
N HIS A 187 29.44 0.26 -9.91
CA HIS A 187 29.82 -0.47 -8.72
C HIS A 187 29.24 -1.87 -8.81
N ARG A 188 30.13 -2.83 -8.80
CA ARG A 188 29.72 -4.20 -8.82
C ARG A 188 29.36 -4.65 -7.41
N LEU A 189 28.18 -5.22 -7.25
CA LEU A 189 27.67 -5.55 -5.94
C LEU A 189 28.50 -6.68 -5.34
N ASN A 190 28.70 -7.72 -6.12
CA ASN A 190 29.47 -8.87 -5.68
C ASN A 190 28.99 -9.55 -4.42
N HIS A 191 27.69 -9.59 -4.19
CA HIS A 191 27.11 -10.20 -2.99
C HIS A 191 27.25 -11.68 -3.12
N LYS A 192 27.74 -12.32 -2.06
CA LYS A 192 27.72 -13.77 -1.90
C LYS A 192 27.18 -13.94 -0.48
N GLY A 193 25.89 -13.74 -0.27
CA GLY A 193 25.23 -14.00 1.01
C GLY A 193 24.74 -15.42 1.24
N LYS A 194 24.01 -15.59 2.34
CA LYS A 194 23.50 -16.89 2.75
C LYS A 194 22.34 -17.34 1.87
N TYR A 195 21.43 -16.43 1.55
CA TYR A 195 20.22 -16.78 0.81
C TYR A 195 20.37 -16.49 -0.69
N PHE A 196 21.22 -15.55 -1.03
CA PHE A 196 21.37 -15.03 -2.39
C PHE A 196 22.86 -14.83 -2.67
N GLN A 197 23.22 -15.03 -3.94
CA GLN A 197 24.52 -14.64 -4.50
C GLN A 197 24.30 -13.81 -5.77
N VAL A 198 24.75 -12.56 -5.78
CA VAL A 198 24.50 -11.63 -6.89
C VAL A 198 25.65 -10.68 -7.24
N GLU A 199 26.27 -10.93 -8.39
CA GLU A 199 27.50 -10.27 -8.74
C GLU A 199 27.23 -8.83 -9.18
N GLY A 200 26.13 -8.59 -9.90
CA GLY A 200 25.86 -7.25 -10.44
C GLY A 200 26.81 -6.99 -11.59
N PRO A 201 26.82 -5.76 -12.12
CA PRO A 201 26.00 -4.62 -11.72
C PRO A 201 24.59 -4.66 -12.32
N LEU A 202 23.66 -3.88 -11.77
CA LEU A 202 22.31 -3.72 -12.31
C LEU A 202 22.35 -3.03 -13.67
N ASN A 203 21.52 -3.45 -14.61
CA ASN A 203 21.49 -2.90 -15.98
C ASN A 203 20.50 -1.77 -16.23
N ILE A 204 20.42 -0.90 -15.24
CA ILE A 204 19.65 0.34 -15.33
C ILE A 204 20.04 1.15 -14.09
N GLY A 205 20.04 2.45 -14.28
CA GLY A 205 20.63 3.33 -13.29
C GLY A 205 19.63 4.10 -12.49
N ARG A 206 20.09 5.21 -11.96
CA ARG A 206 19.36 5.93 -10.94
C ARG A 206 18.22 6.70 -11.58
N SER A 207 17.13 6.82 -10.84
CA SER A 207 15.88 7.47 -11.27
C SER A 207 15.72 8.89 -10.73
N LYS A 208 14.75 9.64 -11.23
CA LYS A 208 14.55 10.99 -10.75
C LYS A 208 14.23 11.08 -9.26
N GLN A 209 13.98 9.99 -8.54
CA GLN A 209 13.94 10.06 -7.07
C GLN A 209 15.00 9.15 -6.46
N GLY A 210 16.04 8.84 -7.21
CA GLY A 210 17.11 7.98 -6.72
C GLY A 210 16.73 6.52 -6.91
N GLU A 211 15.94 6.01 -5.97
CA GLU A 211 15.46 4.64 -6.00
C GLU A 211 14.05 4.64 -5.45
N PRO A 212 13.28 3.60 -5.76
CA PRO A 212 11.95 3.53 -5.20
C PRO A 212 11.92 3.50 -3.68
N VAL A 213 10.71 3.81 -3.22
CA VAL A 213 10.39 4.02 -1.82
C VAL A 213 9.99 2.66 -1.25
N VAL A 214 10.47 2.36 -0.06
CA VAL A 214 10.04 1.12 0.57
C VAL A 214 8.89 1.26 1.56
N PHE A 215 7.86 0.45 1.36
CA PHE A 215 6.74 0.39 2.26
C PHE A 215 6.88 -0.98 2.90
N GLN A 216 6.20 -1.16 4.02
CA GLN A 216 6.20 -2.46 4.67
C GLN A 216 5.02 -2.61 5.61
N ALA A 217 4.38 -3.76 5.51
CA ALA A 217 3.14 -4.06 6.22
C ALA A 217 3.29 -4.66 7.62
N GLY A 218 4.21 -5.61 7.79
CA GLY A 218 4.62 -6.16 9.09
C GLY A 218 4.17 -5.54 10.40
N SER A 219 3.58 -6.39 11.23
CA SER A 219 2.86 -6.04 12.47
C SER A 219 3.32 -6.83 13.70
N SER A 220 3.94 -8.00 13.52
CA SER A 220 4.63 -8.72 14.60
C SER A 220 5.79 -7.98 15.29
N GLU A 221 6.33 -8.57 16.33
CA GLU A 221 7.54 -8.06 16.97
C GLU A 221 8.67 -8.01 15.96
N THR A 222 8.92 -9.14 15.30
CA THR A 222 9.92 -9.16 14.24
C THR A 222 9.60 -8.11 13.17
N GLY A 223 8.35 -8.10 12.71
CA GLY A 223 7.89 -7.25 11.63
C GLY A 223 8.07 -5.77 11.93
N ARG A 224 7.63 -5.34 13.12
CA ARG A 224 7.79 -3.94 13.45
C ARG A 224 9.26 -3.54 13.42
N GLN A 225 10.12 -4.46 13.87
CA GLN A 225 11.53 -4.11 13.98
C GLN A 225 12.12 -3.92 12.60
N PHE A 226 11.93 -4.96 11.77
CA PHE A 226 12.24 -4.86 10.36
C PHE A 226 11.76 -3.58 9.70
N ALA A 227 10.48 -3.24 9.82
CA ALA A 227 9.97 -2.01 9.21
C ALA A 227 10.63 -0.78 9.77
N ALA A 228 10.71 -0.74 11.10
CA ALA A 228 11.33 0.38 11.77
C ALA A 228 12.75 0.59 11.28
N LYS A 229 13.40 -0.54 11.00
CA LYS A 229 14.78 -0.53 10.50
C LYS A 229 14.85 -0.12 9.03
N ASN A 230 13.99 -0.67 8.18
CA ASN A 230 14.23 -0.62 6.75
C ASN A 230 13.29 0.27 5.96
N ALA A 231 12.09 0.54 6.49
CA ALA A 231 11.00 1.10 5.66
C ALA A 231 10.91 2.63 5.57
N ASP A 232 10.50 3.15 4.41
CA ASP A 232 10.21 4.58 4.27
C ASP A 232 8.78 4.84 4.80
N ALA A 233 7.95 3.81 4.75
CA ALA A 233 6.55 3.93 5.13
C ALA A 233 6.03 2.58 5.55
N ILE A 234 5.09 2.60 6.49
CA ILE A 234 4.57 1.38 7.08
C ILE A 234 3.05 1.42 6.94
N PHE A 235 2.46 0.33 6.44
CA PHE A 235 1.01 0.12 6.54
C PHE A 235 0.70 -0.65 7.81
N THR A 236 -0.41 -0.26 8.43
CA THR A 236 -0.93 -0.92 9.62
C THR A 236 -2.47 -0.89 9.65
N HIS A 237 -3.03 -1.57 10.63
CA HIS A 237 -4.48 -1.66 10.72
C HIS A 237 -5.01 -0.51 11.50
N SER A 238 -6.33 -0.42 11.48
CA SER A 238 -7.04 0.58 12.26
C SER A 238 -8.14 0.00 13.16
N ASN A 239 -7.93 -1.15 13.77
CA ASN A 239 -8.93 -1.68 14.73
C ASN A 239 -9.51 -0.67 15.72
N SER A 240 -8.65 0.19 16.27
CA SER A 240 -9.08 1.24 17.19
C SER A 240 -8.04 2.32 17.25
N LEU A 241 -8.47 3.49 17.71
CA LEU A 241 -7.59 4.63 17.91
C LEU A 241 -6.41 4.34 18.83
N GLU A 242 -6.63 3.44 19.78
CA GLU A 242 -5.67 3.30 20.87
C GLU A 242 -4.61 2.29 20.46
N GLU A 243 -5.03 1.17 19.87
CA GLU A 243 -4.07 0.22 19.32
C GLU A 243 -3.20 0.84 18.23
N THR A 244 -3.80 1.70 17.40
CA THR A 244 -3.06 2.41 16.38
C THR A 244 -2.10 3.49 16.95
N LYS A 245 -2.51 4.22 18.00
CA LYS A 245 -1.58 5.08 18.75
C LYS A 245 -0.38 4.30 19.31
N ALA A 246 -0.66 3.07 19.72
CA ALA A 246 0.35 2.21 20.33
C ALA A 246 1.40 1.85 19.29
N PHE A 247 0.93 1.24 18.22
CA PHE A 247 1.79 0.84 17.11
C PHE A 247 2.64 2.04 16.65
N TYR A 248 1.99 3.18 16.49
CA TYR A 248 2.71 4.35 16.02
C TYR A 248 3.88 4.71 16.92
N ALA A 249 3.57 4.89 18.19
CA ALA A 249 4.53 5.03 19.27
C ALA A 249 5.69 4.07 19.19
N ASP A 250 5.32 2.79 19.26
CA ASP A 250 6.30 1.72 19.29
C ASP A 250 7.26 1.75 18.10
N VAL A 251 6.70 1.96 16.92
CA VAL A 251 7.49 1.85 15.72
C VAL A 251 8.39 3.08 15.66
N LYS A 252 7.84 4.27 15.90
CA LYS A 252 8.65 5.48 15.81
C LYS A 252 9.77 5.50 16.84
N SER A 253 9.49 4.83 17.96
CA SER A 253 10.50 4.57 18.95
C SER A 253 11.61 3.64 18.46
N ARG A 254 11.25 2.44 18.02
CA ARG A 254 12.23 1.49 17.53
C ARG A 254 13.07 2.08 16.42
N ALA A 255 12.52 3.00 15.65
CA ALA A 255 13.29 3.59 14.56
C ALA A 255 14.40 4.52 15.08
N ALA A 256 14.11 5.15 16.20
CA ALA A 256 15.13 5.90 16.92
C ALA A 256 16.23 4.95 17.42
N ASP A 257 15.81 3.82 18.00
CA ASP A 257 16.77 2.79 18.39
C ASP A 257 17.64 2.26 17.24
N GLU A 258 17.32 2.59 15.99
CA GLU A 258 18.10 2.07 14.87
C GLU A 258 18.87 3.21 14.27
N GLY A 259 18.95 4.33 14.98
CA GLY A 259 19.75 5.46 14.53
C GLY A 259 18.90 6.45 13.76
N ARG A 260 17.69 6.03 13.38
CA ARG A 260 16.90 6.82 12.45
C ARG A 260 16.10 7.95 13.08
N ASP A 261 16.07 9.06 12.35
CA ASP A 261 15.08 10.09 12.54
C ASP A 261 13.65 9.60 12.25
N PRO A 262 12.74 9.65 13.24
CA PRO A 262 11.46 8.96 13.04
C PRO A 262 10.49 9.65 12.08
N SER A 263 10.70 10.93 11.82
CA SER A 263 9.91 11.60 10.80
C SER A 263 10.19 11.01 9.43
N SER A 264 11.39 10.46 9.28
CA SER A 264 11.73 9.66 8.11
C SER A 264 10.87 8.39 7.90
N VAL A 265 10.18 7.88 8.92
CA VAL A 265 9.21 6.80 8.73
C VAL A 265 7.76 7.26 8.77
N ARG A 266 7.03 6.99 7.69
CA ARG A 266 5.65 7.45 7.59
C ARG A 266 4.70 6.30 7.85
N ILE A 267 3.73 6.51 8.74
CA ILE A 267 2.88 5.43 9.16
C ILE A 267 1.47 5.69 8.67
N PHE A 268 0.94 4.68 8.00
CA PHE A 268 -0.29 4.77 7.23
C PHE A 268 -1.26 3.66 7.54
N PRO A 269 -2.20 3.86 8.48
CA PRO A 269 -3.25 2.87 8.67
C PRO A 269 -4.25 2.87 7.52
N GLY A 270 -4.93 1.74 7.37
CA GLY A 270 -5.86 1.57 6.26
C GLY A 270 -7.26 1.75 6.80
N ILE A 271 -8.07 2.58 6.13
CA ILE A 271 -9.47 2.79 6.46
C ILE A 271 -10.33 2.67 5.20
N SER A 272 -11.60 2.29 5.31
CA SER A 272 -12.52 2.36 4.16
C SER A 272 -13.76 3.18 4.51
N PRO A 273 -13.63 4.51 4.44
CA PRO A 273 -14.73 5.43 4.69
C PRO A 273 -15.95 5.26 3.80
N ILE A 274 -17.13 5.36 4.41
CA ILE A 274 -18.39 5.41 3.71
C ILE A 274 -18.93 6.80 3.99
N VAL A 275 -18.73 7.71 3.06
CA VAL A 275 -19.06 9.12 3.22
C VAL A 275 -20.34 9.38 2.47
N ALA A 276 -21.28 10.08 3.12
CA ALA A 276 -22.52 10.51 2.49
C ALA A 276 -22.96 11.87 3.03
N ASP A 277 -23.98 12.41 2.38
CA ASP A 277 -24.51 13.74 2.73
C ASP A 277 -25.15 13.70 4.10
N THR A 278 -25.82 12.61 4.46
CA THR A 278 -26.33 12.50 5.82
C THR A 278 -25.94 11.16 6.44
N GLU A 279 -25.98 11.14 7.76
CA GLU A 279 -25.76 9.92 8.54
C GLU A 279 -26.56 8.70 8.08
N GLU A 280 -27.78 8.97 7.63
CA GLU A 280 -28.75 7.93 7.30
C GLU A 280 -28.51 7.41 5.89
N GLU A 281 -28.08 8.26 4.97
CA GLU A 281 -27.59 7.76 3.68
C GLU A 281 -26.35 6.86 3.81
N ALA A 282 -25.32 7.32 4.53
CA ALA A 282 -24.13 6.53 4.71
C ALA A 282 -24.55 5.17 5.24
N GLU A 283 -25.41 5.19 6.24
CA GLU A 283 -25.84 3.95 6.86
C GLU A 283 -26.62 2.98 5.97
N LYS A 284 -27.37 3.54 5.04
CA LYS A 284 -28.08 2.81 3.99
C LYS A 284 -27.06 1.99 3.23
N LYS A 285 -26.01 2.70 2.78
CA LYS A 285 -25.02 2.13 1.90
C LYS A 285 -24.36 0.99 2.65
N TYR A 286 -23.96 1.26 3.88
CA TYR A 286 -23.39 0.19 4.66
C TYR A 286 -24.34 -0.99 4.60
N ARG A 287 -25.62 -0.73 4.81
CA ARG A 287 -26.57 -1.82 4.93
C ARG A 287 -26.78 -2.58 3.62
N GLU A 288 -26.82 -1.90 2.48
CA GLU A 288 -27.05 -2.59 1.21
C GLU A 288 -26.01 -3.67 0.99
N PHE A 289 -24.79 -3.36 1.42
CA PHE A 289 -23.63 -4.21 1.25
C PHE A 289 -23.58 -5.28 2.30
N ALA A 290 -23.77 -4.92 3.56
CA ALA A 290 -23.81 -5.92 4.64
C ALA A 290 -24.88 -7.01 4.42
N GLU A 291 -25.96 -6.63 3.75
CA GLU A 291 -27.09 -7.51 3.47
C GLU A 291 -26.84 -8.44 2.30
N LEU A 292 -25.77 -8.22 1.54
CA LEU A 292 -25.52 -9.03 0.35
C LEU A 292 -25.13 -10.47 0.69
N ILE A 293 -24.56 -10.71 1.87
CA ILE A 293 -24.18 -12.08 2.24
C ILE A 293 -25.36 -12.99 2.62
N PRO A 294 -25.43 -14.19 2.00
CA PRO A 294 -26.41 -15.18 2.46
C PRO A 294 -26.21 -15.54 3.92
N ILE A 295 -27.27 -15.36 4.69
CA ILE A 295 -27.12 -15.31 6.14
C ILE A 295 -26.75 -16.70 6.65
N GLU A 296 -27.16 -17.69 5.86
CA GLU A 296 -26.82 -19.08 6.11
C GLU A 296 -25.33 -19.21 6.34
N ASN A 297 -24.55 -18.72 5.36
CA ASN A 297 -23.10 -18.54 5.49
C ASN A 297 -22.79 -17.85 6.81
N ALA A 298 -23.37 -16.66 6.93
CA ALA A 298 -22.97 -15.65 7.91
C ALA A 298 -23.09 -16.13 9.35
N VAL A 299 -24.17 -16.86 9.64
CA VAL A 299 -24.42 -17.42 10.96
C VAL A 299 -23.29 -18.36 11.39
N THR A 300 -22.93 -19.22 10.44
CA THR A 300 -22.00 -20.30 10.69
C THR A 300 -20.65 -19.74 11.15
N TYR A 301 -20.04 -18.93 10.28
CA TYR A 301 -18.76 -18.30 10.59
C TYR A 301 -18.82 -17.51 11.89
N LEU A 302 -20.02 -17.10 12.26
CA LEU A 302 -20.22 -16.51 13.57
C LEU A 302 -19.94 -17.60 14.58
N ALA A 303 -20.74 -18.67 14.54
CA ALA A 303 -20.69 -19.78 15.48
C ALA A 303 -19.26 -20.31 15.70
N ARG A 304 -18.45 -19.48 16.34
CA ARG A 304 -16.98 -19.48 16.27
C ARG A 304 -16.34 -20.48 15.30
N GLU A 341 -17.07 -10.29 23.01
CA GLU A 341 -17.79 -9.04 22.78
C GLU A 341 -19.21 -8.95 23.38
N ALA A 342 -19.61 -7.74 23.76
CA ALA A 342 -20.96 -7.40 24.22
C ALA A 342 -21.63 -6.25 23.43
N LYS A 343 -22.58 -6.60 22.58
CA LYS A 343 -23.16 -5.65 21.63
C LYS A 343 -24.68 -5.83 21.47
N ALA A 344 -25.33 -6.21 22.58
CA ALA A 344 -26.77 -5.99 22.76
C ALA A 344 -27.02 -4.49 22.59
N ARG A 345 -27.28 -4.12 21.32
CA ARG A 345 -27.54 -2.74 20.87
C ARG A 345 -28.80 -2.75 20.03
N ASN A 346 -29.76 -3.53 20.52
CA ASN A 346 -30.97 -3.89 19.79
C ASN A 346 -30.59 -4.64 18.51
N LEU A 347 -29.51 -5.44 18.48
CA LEU A 347 -29.15 -6.18 17.26
C LEU A 347 -29.81 -7.55 17.18
N THR A 348 -30.45 -7.92 16.07
CA THR A 348 -30.95 -9.30 15.90
C THR A 348 -29.77 -10.20 15.53
N LEU A 349 -29.90 -11.53 15.71
CA LEU A 349 -28.83 -12.47 15.37
C LEU A 349 -28.34 -12.23 13.94
N ARG A 350 -29.29 -11.96 13.05
CA ARG A 350 -29.08 -11.72 11.62
C ARG A 350 -28.11 -10.57 11.39
N GLU A 351 -28.40 -9.47 12.08
CA GLU A 351 -27.59 -8.28 11.97
C GLU A 351 -26.22 -8.52 12.57
N VAL A 352 -26.11 -9.35 13.60
CA VAL A 352 -24.79 -9.67 14.18
C VAL A 352 -23.97 -10.60 13.29
N ALA A 353 -24.66 -11.53 12.65
CA ALA A 353 -24.06 -12.39 11.64
C ALA A 353 -23.58 -11.53 10.48
N GLN A 354 -24.43 -10.59 10.03
CA GLN A 354 -24.05 -9.67 8.95
C GLN A 354 -22.86 -8.79 9.30
N GLU A 355 -22.82 -8.22 10.50
CA GLU A 355 -21.77 -7.28 10.89
C GLU A 355 -20.42 -7.93 11.09
N MSE A 356 -20.45 -9.25 11.19
CA MSE A 356 -19.25 -10.08 11.21
C MSE A 356 -18.71 -10.23 9.79
O MSE A 356 -17.54 -9.99 9.56
CB MSE A 356 -19.54 -11.47 11.74
CG MSE A 356 -18.49 -11.93 12.75
SE MSE A 356 -18.13 -10.50 14.07
CE MSE A 356 -19.94 -9.90 14.88
N ALA A 357 -19.58 -10.64 8.88
CA ALA A 357 -19.30 -10.70 7.45
C ALA A 357 -18.64 -9.42 7.01
N PHE A 358 -19.18 -8.29 7.45
CA PHE A 358 -18.78 -7.01 6.89
C PHE A 358 -18.91 -5.91 7.91
N PRO A 359 -17.92 -5.84 8.81
CA PRO A 359 -17.94 -4.91 9.92
C PRO A 359 -17.98 -3.49 9.39
N ARG A 360 -18.56 -2.64 10.23
CA ARG A 360 -18.83 -1.25 9.92
C ARG A 360 -17.64 -0.40 10.37
N THR A 361 -17.16 0.47 9.49
CA THR A 361 -16.03 1.33 9.78
C THR A 361 -16.44 2.35 10.83
N LEU A 362 -15.49 2.82 11.62
CA LEU A 362 -15.73 4.02 12.41
C LEU A 362 -15.97 5.22 11.50
N PHE A 363 -15.39 5.19 10.31
CA PHE A 363 -15.31 6.32 9.37
C PHE A 363 -16.51 6.31 8.47
N ILE A 364 -17.65 6.09 9.10
CA ILE A 364 -18.90 6.18 8.38
C ILE A 364 -19.63 7.48 8.69
N GLY A 365 -20.16 8.09 7.63
CA GLY A 365 -21.21 9.08 7.74
C GLY A 365 -20.89 10.36 7.00
N THR A 366 -21.09 11.46 7.69
CA THR A 366 -21.04 12.74 7.02
C THR A 366 -19.61 13.20 6.69
N PRO A 367 -19.40 14.05 5.67
CA PRO A 367 -18.03 14.45 5.34
C PRO A 367 -17.23 15.03 6.51
N GLU A 368 -17.85 15.95 7.26
CA GLU A 368 -17.20 16.57 8.39
C GLU A 368 -16.93 15.60 9.54
N ARG A 369 -17.79 14.59 9.71
CA ARG A 369 -17.53 13.56 10.70
C ARG A 369 -16.26 12.80 10.32
N VAL A 370 -16.21 12.35 9.06
CA VAL A 370 -15.12 11.51 8.57
C VAL A 370 -13.84 12.33 8.61
N ALA A 371 -13.92 13.55 8.10
CA ALA A 371 -12.84 14.52 8.12
C ALA A 371 -12.34 14.72 9.54
N SER A 372 -13.30 14.82 10.44
CA SER A 372 -12.98 15.10 11.83
C SER A 372 -12.30 13.94 12.56
N LEU A 373 -12.77 12.72 12.34
CA LEU A 373 -12.08 11.54 12.86
C LEU A 373 -10.66 11.50 12.32
N ILE A 374 -10.56 11.68 11.00
CA ILE A 374 -9.29 11.57 10.31
C ILE A 374 -8.34 12.57 10.97
N GLU A 375 -8.83 13.78 11.16
CA GLU A 375 -8.09 14.85 11.84
C GLU A 375 -7.65 14.52 13.26
N THR A 376 -8.47 13.77 13.99
CA THR A 376 -8.28 13.48 15.41
C THR A 376 -7.21 12.39 15.53
N TRP A 377 -7.36 11.37 14.69
CA TRP A 377 -6.37 10.30 14.58
C TRP A 377 -4.97 10.86 14.30
N PHE A 378 -4.91 11.85 13.42
CA PHE A 378 -3.67 12.54 13.06
C PHE A 378 -3.10 13.30 14.24
N ASN A 379 -3.95 14.09 14.90
CA ASN A 379 -3.43 14.93 15.97
C ASN A 379 -3.08 14.10 17.20
N ALA A 380 -3.72 12.94 17.31
CA ALA A 380 -3.41 11.97 18.35
C ALA A 380 -2.11 11.21 18.09
N GLU A 381 -1.54 11.37 16.90
CA GLU A 381 -0.38 10.59 16.48
C GLU A 381 -0.66 9.10 16.47
N ALA A 382 -1.74 8.74 15.79
CA ALA A 382 -1.97 7.38 15.34
C ALA A 382 -1.62 7.22 13.86
N ALA A 383 -1.42 8.33 13.15
CA ALA A 383 -1.32 8.29 11.70
C ALA A 383 -0.56 9.50 11.22
N ASP A 384 0.23 9.30 10.17
CA ASP A 384 0.81 10.38 9.38
C ASP A 384 0.03 10.50 8.07
N GLY A 385 -0.75 9.48 7.73
CA GLY A 385 -1.66 9.52 6.60
C GLY A 385 -2.45 8.23 6.61
N PHE A 386 -3.28 8.01 5.60
CA PHE A 386 -4.10 6.81 5.55
C PHE A 386 -4.15 6.16 4.17
N ILE A 387 -4.14 4.84 4.10
CA ILE A 387 -4.53 4.19 2.85
C ILE A 387 -6.03 4.10 2.89
N VAL A 388 -6.66 4.56 1.83
CA VAL A 388 -8.10 4.58 1.67
C VAL A 388 -8.53 3.44 0.76
N GLY A 389 -9.30 2.51 1.29
CA GLY A 389 -9.96 1.51 0.48
C GLY A 389 -11.29 2.06 0.01
N SER A 390 -11.79 1.59 -1.12
CA SER A 390 -13.01 2.20 -1.61
C SER A 390 -13.83 1.14 -2.34
N ASP A 391 -13.99 -0.01 -1.67
CA ASP A 391 -14.70 -1.16 -2.21
C ASP A 391 -16.11 -0.83 -2.66
N ILE A 392 -16.84 -0.11 -1.81
CA ILE A 392 -18.18 0.33 -2.13
C ILE A 392 -18.08 1.41 -3.21
N PRO A 393 -18.84 1.26 -4.30
CA PRO A 393 -19.00 2.26 -5.38
C PRO A 393 -19.36 3.68 -4.92
N GLY A 394 -18.60 4.66 -5.41
CA GLY A 394 -18.80 6.03 -5.03
C GLY A 394 -17.88 6.48 -3.91
N THR A 395 -17.39 5.57 -3.07
CA THR A 395 -16.70 6.01 -1.86
C THR A 395 -15.51 6.91 -2.19
N LEU A 396 -14.70 6.46 -3.14
CA LEU A 396 -13.42 7.09 -3.39
C LEU A 396 -13.72 8.46 -3.93
N ASP A 397 -14.70 8.44 -4.84
CA ASP A 397 -15.16 9.65 -5.47
C ASP A 397 -15.73 10.60 -4.42
N ALA A 398 -16.56 10.10 -3.52
CA ALA A 398 -17.11 10.94 -2.45
C ALA A 398 -16.05 11.44 -1.48
N PHE A 399 -15.05 10.62 -1.21
CA PHE A 399 -14.00 11.04 -0.31
C PHE A 399 -13.29 12.24 -0.90
N VAL A 400 -12.83 12.06 -2.12
CA VAL A 400 -12.08 13.10 -2.81
C VAL A 400 -12.85 14.42 -2.94
N GLU A 401 -14.11 14.28 -3.29
CA GLU A 401 -14.96 15.42 -3.57
C GLU A 401 -15.39 16.15 -2.29
N LYS A 402 -15.81 15.42 -1.26
CA LYS A 402 -16.41 16.04 -0.09
C LYS A 402 -15.44 16.16 1.08
N VAL A 403 -14.63 15.13 1.33
CA VAL A 403 -13.76 15.15 2.52
C VAL A 403 -12.47 15.95 2.34
N ILE A 404 -11.87 15.86 1.16
CA ILE A 404 -10.59 16.52 0.91
C ILE A 404 -10.70 18.02 1.09
N PRO A 405 -11.65 18.66 0.42
CA PRO A 405 -11.79 20.11 0.54
C PRO A 405 -11.83 20.60 1.99
N ILE A 406 -12.47 19.83 2.86
CA ILE A 406 -12.53 20.21 4.26
C ILE A 406 -11.12 20.21 4.85
N LEU A 407 -10.38 19.14 4.64
CA LEU A 407 -9.03 19.07 5.16
C LEU A 407 -8.13 20.17 4.58
N GLN A 408 -8.32 20.43 3.30
CA GLN A 408 -7.58 21.50 2.65
C GLN A 408 -7.94 22.78 3.37
N GLU A 409 -9.24 23.03 3.45
CA GLU A 409 -9.74 24.23 4.09
C GLU A 409 -9.39 24.41 5.55
N ARG A 410 -8.99 23.37 6.26
CA ARG A 410 -8.59 23.53 7.65
C ARG A 410 -7.09 23.48 7.73
N GLY A 411 -6.38 23.71 6.63
CA GLY A 411 -4.93 23.65 6.62
C GLY A 411 -4.28 22.28 6.83
N LEU A 412 -4.97 21.17 6.58
CA LEU A 412 -4.40 19.86 6.92
C LEU A 412 -3.86 19.08 5.72
N TYR A 413 -4.17 19.59 4.53
CA TYR A 413 -3.93 18.88 3.29
C TYR A 413 -3.60 19.96 2.28
N ARG A 414 -2.61 19.69 1.45
CA ARG A 414 -2.09 20.63 0.48
C ARG A 414 -3.11 20.96 -0.60
N GLN A 415 -2.80 22.05 -1.28
CA GLN A 415 -3.68 22.62 -2.30
C GLN A 415 -3.27 22.16 -3.69
N ASP A 416 -2.05 21.65 -3.78
CA ASP A 416 -1.53 21.03 -4.99
C ASP A 416 -0.36 20.08 -4.68
N TYR A 417 -0.01 19.23 -5.66
CA TYR A 417 1.08 18.27 -5.49
C TYR A 417 2.37 19.02 -5.26
N ARG A 418 3.14 18.56 -4.28
CA ARG A 418 4.44 19.14 -3.94
C ARG A 418 5.40 19.05 -5.13
N GLY A 419 5.45 17.91 -5.78
CA GLY A 419 6.16 17.75 -7.04
C GLY A 419 5.82 16.47 -7.80
N GLY A 420 6.77 15.97 -8.58
CA GLY A 420 6.53 14.81 -9.43
C GLY A 420 7.14 13.49 -8.98
N THR A 421 7.87 13.49 -7.88
CA THR A 421 8.32 12.21 -7.36
C THR A 421 7.56 11.77 -6.13
N LEU A 422 7.64 10.48 -5.82
CA LEU A 422 6.94 9.91 -4.67
C LEU A 422 7.60 10.41 -3.38
N ARG A 423 8.92 10.60 -3.42
CA ARG A 423 9.68 11.15 -2.31
C ARG A 423 9.35 12.62 -2.00
N GLU A 424 9.27 13.47 -3.01
CA GLU A 424 8.85 14.85 -2.79
C GLU A 424 7.51 14.85 -2.07
N ASN A 425 6.56 14.14 -2.67
CA ASN A 425 5.20 14.19 -2.21
C ASN A 425 5.13 13.57 -0.84
N LEU A 426 5.85 12.49 -0.58
CA LEU A 426 5.81 11.94 0.76
C LEU A 426 6.48 12.83 1.80
N GLY A 427 7.34 13.73 1.36
CA GLY A 427 8.20 14.44 2.30
C GLY A 427 9.58 13.84 2.51
N LEU A 428 9.93 12.73 1.88
CA LEU A 428 11.24 12.08 2.04
C LEU A 428 12.39 12.62 1.18
N GLY A 429 13.61 12.48 1.69
CA GLY A 429 14.81 12.90 0.98
C GLY A 429 15.30 11.74 0.14
N ILE A 430 15.93 12.10 -0.98
CA ILE A 430 16.60 11.17 -1.88
C ILE A 430 17.85 10.62 -1.20
N PRO A 431 18.05 9.28 -1.20
CA PRO A 431 19.31 8.74 -0.72
C PRO A 431 20.30 8.62 -1.88
C1 GLC B . -4.32 -9.52 -0.55
C2 GLC B . -4.32 -8.99 0.91
C3 GLC B . -3.46 -9.77 1.89
C4 GLC B . -3.67 -11.26 1.64
C5 GLC B . -3.30 -11.65 0.21
C6 GLC B . -3.77 -13.01 -0.27
O1 GLC B . -4.00 -8.64 -1.60
O2 GLC B . -4.20 -7.61 1.15
O3 GLC B . -3.64 -9.40 3.25
O4 GLC B . -2.74 -11.89 2.50
O5 GLC B . -3.58 -10.71 -0.82
O6 GLC B . -3.85 -12.95 -1.68
N1 FMN C . -0.10 -9.18 3.05
C2 FMN C . 0.13 -9.77 1.81
O2 FMN C . 0.50 -10.93 1.68
N3 FMN C . -0.07 -9.03 0.67
C4 FMN C . -0.48 -7.73 0.75
O4 FMN C . -0.59 -7.00 -0.23
C4A FMN C . -0.71 -7.13 1.98
N5 FMN C . -1.12 -5.82 2.01
C5A FMN C . -1.37 -5.19 3.23
C6 FMN C . -1.80 -3.85 3.26
C7 FMN C . -2.07 -3.15 4.44
C7M FMN C . -2.58 -1.73 4.23
C8 FMN C . -1.89 -3.88 5.64
C8M FMN C . -2.32 -3.41 6.99
C9 FMN C . -1.46 -5.22 5.63
C9A FMN C . -1.20 -5.89 4.43
N10 FMN C . -0.78 -7.20 4.36
C10 FMN C . -0.52 -7.86 3.14
C1' FMN C . -0.86 -8.00 5.60
C2' FMN C . 0.46 -8.06 6.37
O2' FMN C . 1.21 -9.06 5.69
C3' FMN C . 0.03 -8.19 7.86
O3' FMN C . -0.69 -7.02 8.27
C4' FMN C . 1.07 -8.49 8.96
O4' FMN C . 2.12 -7.55 8.95
C5' FMN C . 1.65 -9.91 9.03
O5' FMN C . 3.06 -9.94 8.98
P FMN C . 4.00 -10.04 10.29
O1P FMN C . 5.44 -10.20 9.90
O2P FMN C . 4.01 -8.74 11.06
O3P FMN C . 3.61 -11.31 11.03
#